data_6ZCX
#
_entry.id   6ZCX
#
_cell.length_a   39.548
_cell.length_b   85.461
_cell.length_c   90.019
_cell.angle_alpha   90.000
_cell.angle_beta   90.000
_cell.angle_gamma   90.000
#
_symmetry.space_group_name_H-M   'P 21 21 21'
#
loop_
_entity.id
_entity.type
_entity.pdbx_description
1 polymer 'Tyrosine-protein kinase SYK'
2 non-polymer ~{N},1-dimethyl-5-[[4-[3-methyl-4-[[(3~{R})-piperidin-3-yl]amino]pyrazol-1-yl]pyrimidin-2-yl]amino]indazole-3-carboxamide
3 water water
#
_entity_poly.entity_id   1
_entity_poly.type   'polypeptide(L)'
_entity_poly.pdbx_seq_one_letter_code
;MDTEVYESPYADPEEIRPKEVYLDRKLLTLEDKELGSGNFGTVKKGYYQMKKVVKTVAVKILKNEANDPALKDELLAEAN
VMQQLDNPYIVRMIGICEAESWMLVMEMAELGPLNKYLQQNRHVKDKNIIELVHQVSMGMKYLEESNFVHRDLAARNVLL
VTQHYAKISDFGLSKALRADENYYKAQTHGKWPVKWYAPECINYYKFSSKSDVWSFGVLMWEAFSYGQKPYRGMKGSEVT
AMLEKGERMGCPAGCPREMYDLMNLCWTYDVENRPGFAAVELRLRNYYYDVVNHHHHHH
;
_entity_poly.pdbx_strand_id   A
#
loop_
_chem_comp.id
_chem_comp.type
_chem_comp.name
_chem_comp.formula
QFQ non-polymer ~{N},1-dimethyl-5-[[4-[3-methyl-4-[[(3~{R})-piperidin-3-yl]amino]pyrazol-1-yl]pyrimidin-2-yl]amino]indazole-3-carboxamide 'C23 H28 N10 O'
#
# COMPACT_ATOMS: atom_id res chain seq x y z
N VAL A 21 6.49 16.97 -15.82
CA VAL A 21 6.37 15.50 -15.84
C VAL A 21 7.71 14.88 -16.27
N TYR A 22 8.25 15.31 -17.45
CA TYR A 22 9.52 14.82 -17.98
C TYR A 22 10.68 15.59 -17.37
N LEU A 23 11.49 14.88 -16.59
CA LEU A 23 12.63 15.45 -15.87
C LEU A 23 13.90 15.54 -16.73
N ASP A 24 14.81 16.43 -16.31
CA ASP A 24 16.10 16.68 -16.92
C ASP A 24 17.13 15.73 -16.27
N ARG A 25 17.63 14.73 -17.04
CA ARG A 25 18.62 13.72 -16.57
C ARG A 25 19.89 14.35 -15.99
N LYS A 26 20.32 15.53 -16.50
CA LYS A 26 21.53 16.15 -15.96
C LYS A 26 21.28 16.78 -14.57
N LEU A 27 19.99 16.89 -14.14
CA LEU A 27 19.65 17.41 -12.80
C LEU A 27 19.45 16.24 -11.84
N LEU A 28 19.52 15.01 -12.39
CA LEU A 28 19.38 13.77 -11.62
C LEU A 28 20.75 13.14 -11.38
N THR A 29 21.04 12.82 -10.12
CA THR A 29 22.26 12.10 -9.71
C THR A 29 21.80 10.80 -9.05
N LEU A 30 22.19 9.65 -9.60
CA LEU A 30 21.84 8.35 -9.02
C LEU A 30 22.99 7.74 -8.21
N GLU A 31 22.66 7.06 -7.08
CA GLU A 31 23.66 6.34 -6.30
C GLU A 31 23.97 5.00 -6.98
N ASP A 32 25.22 4.52 -6.89
CA ASP A 32 25.65 3.27 -7.53
C ASP A 32 24.98 2.02 -6.93
N LYS A 33 24.95 1.90 -5.60
CA LYS A 33 24.36 0.77 -4.92
C LYS A 33 22.86 0.94 -4.90
N GLU A 34 22.12 -0.11 -5.25
CA GLU A 34 20.67 -0.08 -5.25
C GLU A 34 20.11 -0.28 -3.84
N LEU A 35 18.90 0.23 -3.63
CA LEU A 35 18.17 0.10 -2.37
C LEU A 35 17.48 -1.27 -2.33
N GLY A 36 16.99 -1.71 -3.47
CA GLY A 36 16.29 -2.98 -3.67
C GLY A 36 16.17 -3.35 -5.13
N SER A 37 15.80 -4.63 -5.39
CA SER A 37 15.61 -5.16 -6.74
C SER A 37 14.20 -5.74 -6.90
N PHE A 40 9.87 -4.59 -11.17
CA PHE A 40 10.08 -4.31 -12.60
C PHE A 40 11.56 -4.04 -12.94
N GLY A 41 12.40 -4.06 -11.92
CA GLY A 41 13.83 -3.82 -12.04
C GLY A 41 14.45 -3.48 -10.69
N THR A 42 14.82 -2.20 -10.50
CA THR A 42 15.50 -1.79 -9.27
C THR A 42 14.99 -0.47 -8.69
N VAL A 43 15.26 -0.26 -7.40
CA VAL A 43 14.95 0.97 -6.69
C VAL A 43 16.28 1.54 -6.24
N LYS A 44 16.58 2.78 -6.61
CA LYS A 44 17.86 3.42 -6.23
C LYS A 44 17.58 4.75 -5.59
N LYS A 45 18.50 5.21 -4.78
CA LYS A 45 18.47 6.52 -4.14
C LYS A 45 19.13 7.47 -5.12
N GLY A 46 18.62 8.69 -5.14
CA GLY A 46 19.21 9.73 -5.96
C GLY A 46 18.94 11.10 -5.41
N TYR A 47 19.35 12.10 -6.18
CA TYR A 47 19.18 13.52 -5.90
C TYR A 47 18.70 14.23 -7.13
N TYR A 48 17.71 15.10 -6.95
CA TYR A 48 17.21 15.93 -8.04
C TYR A 48 17.36 17.40 -7.68
N GLN A 49 18.10 18.14 -8.53
CA GLN A 49 18.35 19.57 -8.36
C GLN A 49 17.02 20.32 -8.61
N MET A 50 16.42 20.86 -7.54
CA MET A 50 15.15 21.57 -7.68
C MET A 50 15.42 23.07 -7.97
N LYS A 51 14.37 23.93 -7.95
CA LYS A 51 14.52 25.36 -8.24
C LYS A 51 15.59 26.04 -7.32
N LYS A 52 15.77 25.52 -6.07
CA LYS A 52 16.79 26.03 -5.15
C LYS A 52 17.42 24.90 -4.30
N VAL A 53 16.58 24.14 -3.61
CA VAL A 53 17.05 23.04 -2.76
C VAL A 53 17.35 21.82 -3.62
N VAL A 54 18.17 20.88 -3.10
CA VAL A 54 18.39 19.59 -3.74
C VAL A 54 17.39 18.63 -3.05
N LYS A 55 16.76 17.76 -3.82
CA LYS A 55 15.77 16.86 -3.24
C LYS A 55 16.20 15.41 -3.33
N THR A 56 16.21 14.69 -2.20
CA THR A 56 16.56 13.27 -2.16
C THR A 56 15.38 12.51 -2.74
N VAL A 57 15.66 11.61 -3.67
CA VAL A 57 14.61 10.87 -4.35
C VAL A 57 14.84 9.35 -4.33
N ALA A 58 13.74 8.58 -4.53
CA ALA A 58 13.78 7.13 -4.72
C ALA A 58 13.40 7.00 -6.19
N VAL A 59 14.13 6.19 -6.92
CA VAL A 59 13.93 6.08 -8.36
C VAL A 59 13.67 4.62 -8.74
N LYS A 60 12.53 4.36 -9.37
CA LYS A 60 12.18 3.03 -9.87
C LYS A 60 12.77 2.98 -11.28
N ILE A 61 13.70 2.03 -11.50
CA ILE A 61 14.40 1.88 -12.78
C ILE A 61 13.97 0.54 -13.40
N LEU A 62 13.39 0.61 -14.60
CA LEU A 62 12.92 -0.57 -15.33
C LEU A 62 14.09 -1.39 -15.87
N LYS A 63 14.00 -2.73 -15.72
CA LYS A 63 15.02 -3.66 -16.23
C LYS A 63 14.80 -3.93 -17.72
N LEU A 71 6.84 -3.46 -20.08
CA LEU A 71 7.20 -2.78 -18.85
C LEU A 71 7.12 -1.24 -18.97
N LYS A 72 7.49 -0.69 -20.14
CA LYS A 72 7.47 0.77 -20.39
C LYS A 72 6.07 1.36 -20.24
N ASP A 73 5.07 0.77 -20.92
CA ASP A 73 3.68 1.25 -20.85
C ASP A 73 3.15 1.14 -19.43
N GLU A 74 3.54 0.09 -18.69
CA GLU A 74 3.15 -0.13 -17.30
C GLU A 74 3.76 0.97 -16.43
N LEU A 75 5.04 1.31 -16.67
CA LEU A 75 5.65 2.39 -15.90
C LEU A 75 4.98 3.75 -16.20
N LEU A 76 4.66 4.02 -17.49
CA LEU A 76 4.01 5.26 -17.86
C LEU A 76 2.60 5.34 -17.25
N ALA A 77 1.87 4.22 -17.26
CA ALA A 77 0.52 4.17 -16.65
C ALA A 77 0.65 4.45 -15.13
N GLU A 78 1.63 3.79 -14.44
CA GLU A 78 1.92 3.98 -13.00
C GLU A 78 2.17 5.48 -12.70
N ALA A 79 3.00 6.13 -13.52
CA ALA A 79 3.33 7.54 -13.39
C ALA A 79 2.07 8.42 -13.56
N ASN A 80 1.26 8.09 -14.56
CA ASN A 80 0.01 8.79 -14.87
C ASN A 80 -0.95 8.75 -13.68
N VAL A 81 -1.02 7.60 -12.97
CA VAL A 81 -1.85 7.47 -11.76
C VAL A 81 -1.26 8.42 -10.68
N MET A 82 0.04 8.26 -10.37
CA MET A 82 0.70 9.08 -9.31
C MET A 82 0.58 10.57 -9.54
N GLN A 83 0.66 11.03 -10.80
CA GLN A 83 0.52 12.45 -11.13
C GLN A 83 -0.86 13.03 -10.74
N GLN A 84 -1.89 12.16 -10.68
CA GLN A 84 -3.26 12.59 -10.36
C GLN A 84 -3.55 12.62 -8.86
N LEU A 85 -2.67 12.01 -8.05
CA LEU A 85 -2.85 11.92 -6.61
C LEU A 85 -2.09 12.98 -5.84
N ASP A 86 -2.75 13.51 -4.83
CA ASP A 86 -2.22 14.58 -3.99
C ASP A 86 -2.75 14.38 -2.58
N ASN A 87 -1.95 13.70 -1.74
CA ASN A 87 -2.36 13.36 -0.38
C ASN A 87 -1.10 13.14 0.49
N PRO A 88 -1.09 13.57 1.76
CA PRO A 88 0.10 13.36 2.60
C PRO A 88 0.50 11.91 2.83
N TYR A 89 -0.45 10.96 2.66
CA TYR A 89 -0.20 9.54 2.92
C TYR A 89 -0.03 8.71 1.66
N ILE A 90 0.33 9.38 0.54
CA ILE A 90 0.64 8.73 -0.73
C ILE A 90 2.00 9.27 -1.19
N VAL A 91 2.85 8.37 -1.76
CA VAL A 91 4.16 8.79 -2.26
C VAL A 91 3.96 9.76 -3.44
N ARG A 92 4.64 10.92 -3.39
CA ARG A 92 4.60 11.93 -4.43
C ARG A 92 5.56 11.59 -5.54
N MET A 93 5.09 11.64 -6.78
CA MET A 93 5.98 11.43 -7.90
C MET A 93 6.58 12.80 -8.26
N ILE A 94 7.91 12.88 -8.45
CA ILE A 94 8.56 14.08 -8.96
C ILE A 94 8.38 14.15 -10.48
N GLY A 95 8.65 13.03 -11.14
CA GLY A 95 8.47 12.94 -12.57
C GLY A 95 9.04 11.67 -13.14
N ILE A 96 9.15 11.64 -14.46
CA ILE A 96 9.71 10.50 -15.15
C ILE A 96 10.85 10.96 -16.02
N CYS A 97 11.80 10.07 -16.26
CA CYS A 97 12.95 10.40 -17.09
C CYS A 97 13.29 9.23 -18.00
N GLU A 98 13.47 9.49 -19.31
CA GLU A 98 13.86 8.45 -20.24
C GLU A 98 15.34 8.60 -20.52
N ALA A 99 16.14 7.68 -19.99
CA ALA A 99 17.57 7.75 -20.23
C ALA A 99 18.08 6.35 -20.59
N GLU A 100 19.18 5.90 -19.93
CA GLU A 100 19.77 4.57 -20.13
C GLU A 100 18.70 3.49 -20.03
N SER A 101 17.67 3.74 -19.17
CA SER A 101 16.47 2.95 -18.92
C SER A 101 15.34 3.97 -18.57
N TRP A 102 14.06 3.54 -18.54
CA TRP A 102 12.93 4.42 -18.15
C TRP A 102 12.97 4.53 -16.63
N MET A 103 12.75 5.75 -16.09
CA MET A 103 12.82 5.96 -14.66
C MET A 103 11.63 6.72 -14.09
N LEU A 104 11.15 6.28 -12.94
CA LEU A 104 10.06 6.92 -12.22
C LEU A 104 10.69 7.48 -10.95
N VAL A 105 10.74 8.82 -10.83
CA VAL A 105 11.42 9.51 -9.73
C VAL A 105 10.38 9.97 -8.73
N MET A 106 10.57 9.58 -7.46
CA MET A 106 9.62 9.85 -6.39
C MET A 106 10.29 10.52 -5.19
N GLU A 107 9.51 11.19 -4.34
CA GLU A 107 10.00 11.79 -3.10
C GLU A 107 10.50 10.58 -2.24
N MET A 108 11.68 10.69 -1.62
CA MET A 108 12.24 9.59 -0.83
C MET A 108 11.55 9.44 0.53
N ALA A 109 11.12 8.21 0.86
CA ALA A 109 10.61 7.84 2.18
C ALA A 109 11.81 7.03 2.74
N GLU A 110 12.66 7.70 3.51
CA GLU A 110 13.96 7.15 3.96
C GLU A 110 13.95 5.80 4.66
N LEU A 111 12.91 5.49 5.45
CA LEU A 111 12.95 4.27 6.27
C LEU A 111 12.53 3.00 5.52
N GLY A 112 12.08 3.14 4.28
CA GLY A 112 11.75 2.02 3.43
C GLY A 112 10.45 1.29 3.78
N PRO A 113 10.30 0.08 3.16
CA PRO A 113 9.05 -0.71 3.33
C PRO A 113 8.69 -1.04 4.76
N LEU A 114 7.39 -0.90 5.06
CA LEU A 114 6.81 -1.15 6.39
C LEU A 114 7.08 -2.58 6.92
N ASN A 115 6.91 -3.62 6.07
CA ASN A 115 7.12 -5.00 6.54
C ASN A 115 8.56 -5.21 6.99
N LYS A 116 9.53 -4.76 6.16
CA LYS A 116 10.95 -4.88 6.48
C LYS A 116 11.29 -4.09 7.75
N TYR A 117 10.73 -2.89 7.87
CA TYR A 117 11.05 -2.05 9.02
C TYR A 117 10.56 -2.74 10.29
N LEU A 118 9.32 -3.26 10.26
CA LEU A 118 8.78 -3.92 11.46
C LEU A 118 9.51 -5.23 11.79
N GLN A 119 9.99 -5.98 10.76
CA GLN A 119 10.80 -7.20 10.98
C GLN A 119 12.11 -6.85 11.71
N GLN A 120 12.67 -5.66 11.42
CA GLN A 120 13.93 -5.17 11.98
C GLN A 120 13.82 -4.40 13.27
N ASN A 121 12.60 -4.01 13.64
CA ASN A 121 12.32 -3.16 14.80
C ASN A 121 11.11 -3.77 15.49
N ARG A 122 11.35 -4.94 16.09
CA ARG A 122 10.31 -5.77 16.71
C ARG A 122 9.74 -5.19 18.01
N HIS A 123 10.30 -4.08 18.51
CA HIS A 123 9.85 -3.44 19.76
C HIS A 123 9.04 -2.14 19.53
N VAL A 124 8.65 -1.84 18.26
CA VAL A 124 7.75 -0.72 17.90
C VAL A 124 6.46 -0.96 18.70
N LYS A 125 5.96 0.04 19.42
CA LYS A 125 4.81 -0.14 20.29
C LYS A 125 3.53 -0.30 19.55
N ASP A 126 2.57 -0.99 20.17
CA ASP A 126 1.26 -1.18 19.60
C ASP A 126 0.58 0.17 19.15
N LYS A 127 0.66 1.21 20.01
CA LYS A 127 0.13 2.54 19.71
C LYS A 127 0.74 3.06 18.41
N ASN A 128 2.04 2.84 18.22
CA ASN A 128 2.74 3.28 16.99
C ASN A 128 2.24 2.51 15.74
N ILE A 129 1.89 1.21 15.89
CA ILE A 129 1.39 0.41 14.75
C ILE A 129 0.02 0.94 14.37
N ILE A 130 -0.81 1.25 15.37
CA ILE A 130 -2.15 1.79 15.11
C ILE A 130 -2.01 3.11 14.37
N GLU A 131 -1.11 3.99 14.87
CA GLU A 131 -0.85 5.28 14.20
C GLU A 131 -0.55 5.09 12.69
N LEU A 132 0.36 4.16 12.37
CA LEU A 132 0.78 3.93 10.99
C LEU A 132 -0.33 3.34 10.11
N VAL A 133 -1.05 2.32 10.63
CA VAL A 133 -2.14 1.72 9.83
C VAL A 133 -3.28 2.72 9.67
N HIS A 134 -3.48 3.60 10.68
CA HIS A 134 -4.49 4.66 10.56
C HIS A 134 -4.09 5.61 9.39
N GLN A 135 -2.81 5.98 9.29
CA GLN A 135 -2.31 6.84 8.18
C GLN A 135 -2.56 6.16 6.85
N VAL A 136 -2.29 4.85 6.77
CA VAL A 136 -2.59 4.12 5.53
C VAL A 136 -4.10 4.24 5.23
N SER A 137 -4.96 4.07 6.24
CA SER A 137 -6.42 4.20 6.01
C SER A 137 -6.82 5.59 5.53
N MET A 138 -6.12 6.66 5.97
CA MET A 138 -6.41 8.01 5.49
C MET A 138 -6.05 8.15 3.99
N GLY A 139 -4.88 7.63 3.59
CA GLY A 139 -4.47 7.66 2.19
C GLY A 139 -5.46 6.86 1.35
N MET A 140 -5.94 5.72 1.90
CA MET A 140 -6.90 4.88 1.16
C MET A 140 -8.31 5.51 1.08
N LYS A 141 -8.72 6.23 2.13
CA LYS A 141 -10.00 6.98 2.15
C LYS A 141 -9.92 8.00 1.00
N TYR A 142 -8.77 8.67 0.86
CA TYR A 142 -8.51 9.60 -0.25
C TYR A 142 -8.57 8.89 -1.62
N LEU A 143 -7.86 7.76 -1.79
CA LEU A 143 -7.89 7.00 -3.04
C LEU A 143 -9.32 6.59 -3.45
N GLU A 144 -10.11 6.11 -2.46
CA GLU A 144 -11.51 5.70 -2.64
C GLU A 144 -12.34 6.90 -3.12
N GLU A 145 -12.20 8.07 -2.43
CA GLU A 145 -12.87 9.32 -2.79
C GLU A 145 -12.51 9.74 -4.23
N SER A 146 -11.25 9.48 -4.63
CA SER A 146 -10.67 9.83 -5.96
C SER A 146 -11.04 8.80 -7.04
N ASN A 147 -11.72 7.71 -6.63
CA ASN A 147 -12.17 6.59 -7.49
C ASN A 147 -10.99 5.90 -8.22
N PHE A 148 -9.92 5.64 -7.46
CA PHE A 148 -8.79 4.84 -7.92
C PHE A 148 -8.78 3.57 -7.10
N VAL A 149 -8.49 2.44 -7.74
CA VAL A 149 -8.35 1.20 -6.97
C VAL A 149 -6.85 0.91 -6.97
N HIS A 150 -6.29 0.56 -5.81
CA HIS A 150 -4.83 0.35 -5.70
C HIS A 150 -4.46 -1.02 -6.28
N ARG A 151 -5.19 -2.09 -5.87
CA ARG A 151 -4.98 -3.46 -6.37
C ARG A 151 -3.68 -4.15 -5.93
N ASP A 152 -2.89 -3.55 -5.02
CA ASP A 152 -1.69 -4.23 -4.52
C ASP A 152 -1.38 -3.67 -3.12
N LEU A 153 -2.42 -3.49 -2.30
CA LEU A 153 -2.22 -2.87 -0.99
C LEU A 153 -1.72 -3.91 -0.01
N ALA A 154 -0.44 -3.85 0.29
CA ALA A 154 0.23 -4.81 1.15
C ALA A 154 1.31 -4.05 1.93
N ALA A 155 1.77 -4.62 3.05
CA ALA A 155 2.76 -3.93 3.88
C ALA A 155 4.08 -3.62 3.15
N ARG A 156 4.45 -4.44 2.11
CA ARG A 156 5.66 -4.22 1.32
C ARG A 156 5.54 -2.94 0.46
N ASN A 157 4.28 -2.45 0.27
CA ASN A 157 3.88 -1.29 -0.54
C ASN A 157 3.52 -0.09 0.28
N VAL A 158 3.91 -0.13 1.57
CA VAL A 158 3.76 1.01 2.48
C VAL A 158 5.18 1.40 2.83
N LEU A 159 5.50 2.69 2.66
CA LEU A 159 6.87 3.17 2.94
C LEU A 159 6.88 4.11 4.12
N LEU A 160 7.97 4.11 4.89
CA LEU A 160 8.05 4.99 6.05
C LEU A 160 8.94 6.19 5.80
N VAL A 161 8.36 7.37 6.01
CA VAL A 161 9.05 8.65 5.95
C VAL A 161 9.85 8.74 7.28
N THR A 162 9.15 8.43 8.38
CA THR A 162 9.72 8.33 9.72
C THR A 162 9.00 7.15 10.41
N GLN A 163 9.40 6.85 11.64
CA GLN A 163 8.77 5.78 12.41
C GLN A 163 7.28 6.08 12.70
N HIS A 164 6.86 7.35 12.50
CA HIS A 164 5.50 7.84 12.76
C HIS A 164 4.83 8.45 11.53
N TYR A 165 5.32 8.12 10.33
CA TYR A 165 4.76 8.69 9.13
C TYR A 165 4.85 7.67 8.00
N ALA A 166 3.69 7.09 7.60
CA ALA A 166 3.61 6.11 6.51
C ALA A 166 2.98 6.73 5.26
N LYS A 167 3.41 6.23 4.08
CA LYS A 167 2.87 6.64 2.78
C LYS A 167 2.65 5.38 1.97
N ILE A 168 1.61 5.37 1.16
CA ILE A 168 1.33 4.25 0.26
C ILE A 168 2.11 4.45 -1.03
N SER A 169 2.71 3.36 -1.54
N SER A 169 2.77 3.40 -1.59
CA SER A 169 3.52 3.34 -2.75
CA SER A 169 3.40 3.53 -2.92
C SER A 169 3.01 2.25 -3.71
C SER A 169 2.97 2.34 -3.78
N ASP A 170 3.76 2.04 -4.81
CA ASP A 170 3.56 0.93 -5.73
C ASP A 170 2.20 0.93 -6.42
N PHE A 171 2.03 1.91 -7.30
CA PHE A 171 0.80 2.11 -8.08
C PHE A 171 0.78 1.40 -9.46
N GLY A 172 1.69 0.44 -9.64
CA GLY A 172 1.85 -0.33 -10.87
C GLY A 172 0.62 -1.11 -11.34
N LEU A 173 -0.23 -1.55 -10.41
CA LEU A 173 -1.47 -2.29 -10.74
C LEU A 173 -2.73 -1.40 -10.59
N SER A 174 -2.55 -0.15 -10.20
CA SER A 174 -3.65 0.76 -9.93
C SER A 174 -4.44 1.13 -11.16
N LYS A 175 -5.73 1.37 -10.96
CA LYS A 175 -6.62 1.72 -12.05
C LYS A 175 -7.52 2.85 -11.67
N ALA A 176 -7.76 3.78 -12.62
CA ALA A 176 -8.74 4.85 -12.46
C ALA A 176 -10.06 4.21 -12.88
N LEU A 177 -11.03 4.20 -11.96
CA LEU A 177 -12.33 3.61 -12.26
C LEU A 177 -13.09 4.41 -13.31
N ARG A 178 -13.83 3.70 -14.16
CA ARG A 178 -14.66 4.37 -15.16
C ARG A 178 -15.73 5.18 -14.43
N ALA A 179 -16.18 6.28 -15.03
CA ALA A 179 -17.21 7.15 -14.46
C ALA A 179 -18.50 6.39 -14.15
N ASP A 180 -18.77 5.30 -14.90
CA ASP A 180 -20.02 4.56 -14.78
C ASP A 180 -19.96 3.24 -13.99
N GLU A 181 -18.80 2.89 -13.45
CA GLU A 181 -18.63 1.63 -12.72
C GLU A 181 -17.87 1.83 -11.41
N ASN A 182 -18.22 1.01 -10.40
CA ASN A 182 -17.49 1.10 -9.14
C ASN A 182 -16.43 0.02 -9.05
N TYR A 183 -16.15 -0.68 -10.16
CA TYR A 183 -15.09 -1.68 -10.15
C TYR A 183 -14.33 -1.73 -11.48
N TYR A 184 -13.14 -2.32 -11.45
CA TYR A 184 -12.28 -2.59 -12.59
C TYR A 184 -12.37 -4.10 -12.80
N LYS A 185 -12.66 -4.51 -14.05
CA LYS A 185 -12.79 -5.92 -14.42
C LYS A 185 -11.49 -6.32 -15.11
N ALA A 186 -10.75 -7.23 -14.49
CA ALA A 186 -9.49 -7.69 -15.07
C ALA A 186 -9.74 -8.67 -16.21
N GLN A 187 -9.05 -8.48 -17.34
CA GLN A 187 -9.15 -9.35 -18.52
C GLN A 187 -7.90 -10.23 -18.50
N THR A 188 -8.07 -11.50 -18.05
CA THR A 188 -7.03 -12.52 -17.85
C THR A 188 -6.26 -12.28 -16.54
N HIS A 189 -6.21 -13.31 -15.67
CA HIS A 189 -5.57 -13.30 -14.35
C HIS A 189 -4.04 -13.18 -14.44
N LYS A 191 1.42 -11.87 -12.71
CA LYS A 191 0.99 -12.62 -11.53
C LYS A 191 0.19 -11.78 -10.54
N TRP A 192 -0.68 -12.43 -9.75
CA TRP A 192 -1.52 -11.76 -8.75
C TRP A 192 -1.11 -12.08 -7.30
N PRO A 193 -1.06 -11.06 -6.41
CA PRO A 193 -0.77 -11.33 -4.98
C PRO A 193 -2.04 -11.85 -4.29
N VAL A 194 -2.45 -13.09 -4.65
CA VAL A 194 -3.68 -13.80 -4.22
C VAL A 194 -3.95 -13.73 -2.70
N LYS A 195 -2.91 -13.83 -1.86
CA LYS A 195 -3.10 -13.78 -0.39
C LYS A 195 -3.66 -12.42 0.08
N TRP A 196 -3.60 -11.36 -0.76
CA TRP A 196 -4.16 -10.07 -0.35
C TRP A 196 -5.49 -9.79 -1.04
N TYR A 197 -5.92 -10.69 -1.92
CA TYR A 197 -7.09 -10.45 -2.74
C TYR A 197 -8.40 -10.91 -2.13
N ALA A 198 -9.46 -10.09 -2.29
CA ALA A 198 -10.80 -10.43 -1.80
C ALA A 198 -11.37 -11.58 -2.64
N PRO A 199 -12.36 -12.34 -2.12
CA PRO A 199 -12.95 -13.46 -2.88
C PRO A 199 -13.53 -13.08 -4.24
N GLU A 200 -14.13 -11.86 -4.39
CA GLU A 200 -14.67 -11.41 -5.70
C GLU A 200 -13.57 -11.14 -6.72
N CYS A 201 -12.33 -10.83 -6.25
CA CYS A 201 -11.21 -10.63 -7.19
C CYS A 201 -10.89 -11.97 -7.83
N ILE A 202 -10.85 -13.00 -6.99
CA ILE A 202 -10.55 -14.37 -7.40
C ILE A 202 -11.68 -14.95 -8.25
N ASN A 203 -12.93 -14.83 -7.76
CA ASN A 203 -14.10 -15.43 -8.40
C ASN A 203 -14.64 -14.70 -9.61
N TYR A 204 -14.59 -13.37 -9.61
CA TYR A 204 -15.21 -12.55 -10.66
C TYR A 204 -14.24 -11.58 -11.36
N TYR A 205 -12.98 -11.51 -10.90
CA TYR A 205 -11.93 -10.59 -11.45
C TYR A 205 -12.38 -9.13 -11.31
N LYS A 206 -13.15 -8.83 -10.25
CA LYS A 206 -13.68 -7.48 -10.02
C LYS A 206 -12.92 -6.83 -8.85
N PHE A 207 -12.31 -5.68 -9.13
CA PHE A 207 -11.48 -4.91 -8.18
C PHE A 207 -12.13 -3.58 -7.92
N SER A 208 -12.44 -3.30 -6.66
CA SER A 208 -13.15 -2.09 -6.23
C SER A 208 -12.42 -1.52 -5.02
N SER A 209 -12.86 -0.36 -4.53
CA SER A 209 -12.27 0.13 -3.29
C SER A 209 -12.57 -0.87 -2.16
N LYS A 210 -13.75 -1.60 -2.22
CA LYS A 210 -14.06 -2.64 -1.21
C LYS A 210 -13.05 -3.80 -1.28
N SER A 211 -12.58 -4.19 -2.49
CA SER A 211 -11.52 -5.21 -2.49
C SER A 211 -10.21 -4.62 -1.92
N ASP A 212 -9.93 -3.30 -2.10
CA ASP A 212 -8.75 -2.69 -1.44
C ASP A 212 -8.95 -2.76 0.11
N VAL A 213 -10.22 -2.64 0.60
CA VAL A 213 -10.47 -2.76 2.07
C VAL A 213 -10.03 -4.17 2.54
N TRP A 214 -10.38 -5.23 1.77
CA TRP A 214 -9.99 -6.60 2.12
C TRP A 214 -8.46 -6.66 2.25
N SER A 215 -7.76 -6.15 1.22
CA SER A 215 -6.28 -6.13 1.22
C SER A 215 -5.76 -5.37 2.43
N PHE A 216 -6.44 -4.23 2.81
CA PHE A 216 -6.07 -3.42 3.96
C PHE A 216 -6.17 -4.26 5.29
N GLY A 217 -7.16 -5.14 5.37
CA GLY A 217 -7.30 -6.09 6.49
C GLY A 217 -6.07 -7.00 6.59
N VAL A 218 -5.60 -7.53 5.43
CA VAL A 218 -4.37 -8.34 5.41
C VAL A 218 -3.15 -7.46 5.79
N LEU A 219 -3.10 -6.22 5.29
CA LEU A 219 -2.02 -5.29 5.62
C LEU A 219 -1.97 -5.05 7.17
N MET A 220 -3.16 -4.84 7.79
CA MET A 220 -3.28 -4.66 9.25
C MET A 220 -2.69 -5.88 9.98
N TRP A 221 -3.08 -7.08 9.53
CA TRP A 221 -2.58 -8.36 10.09
C TRP A 221 -1.05 -8.35 9.95
N GLU A 222 -0.49 -8.02 8.76
CA GLU A 222 0.97 -7.97 8.60
C GLU A 222 1.65 -7.01 9.60
N ALA A 223 1.08 -5.80 9.72
CA ALA A 223 1.64 -4.76 10.59
C ALA A 223 1.62 -5.16 12.06
N PHE A 224 0.48 -5.70 12.57
CA PHE A 224 0.37 -6.15 13.96
C PHE A 224 1.19 -7.45 14.16
N SER A 225 1.60 -8.13 13.05
CA SER A 225 2.44 -9.34 13.13
C SER A 225 3.91 -8.97 12.84
N TYR A 226 4.24 -7.68 12.94
CA TYR A 226 5.60 -7.15 12.74
C TYR A 226 6.24 -7.61 11.41
N GLY A 227 5.46 -7.51 10.35
CA GLY A 227 5.92 -7.79 8.99
C GLY A 227 6.01 -9.25 8.60
N GLN A 228 5.34 -10.15 9.36
CA GLN A 228 5.30 -11.56 8.99
C GLN A 228 4.40 -11.69 7.73
N LYS A 229 4.69 -12.69 6.90
CA LYS A 229 3.88 -12.94 5.71
C LYS A 229 2.52 -13.55 6.10
N PRO A 230 1.43 -13.15 5.46
CA PRO A 230 0.12 -13.74 5.82
C PRO A 230 -0.03 -15.16 5.25
N TYR A 231 -0.94 -15.96 5.84
CA TYR A 231 -1.22 -17.32 5.40
C TYR A 231 0.06 -18.14 5.19
N ARG A 232 0.95 -18.06 6.17
CA ARG A 232 2.22 -18.78 6.18
C ARG A 232 2.06 -20.24 5.82
N GLY A 233 2.94 -20.68 4.93
CA GLY A 233 3.04 -22.05 4.46
C GLY A 233 1.91 -22.55 3.57
N MET A 234 0.94 -21.69 3.22
CA MET A 234 -0.20 -22.08 2.40
C MET A 234 -0.08 -21.69 0.94
N LYS A 235 -0.58 -22.54 0.05
CA LYS A 235 -0.66 -22.25 -1.39
C LYS A 235 -1.87 -21.30 -1.58
N GLY A 236 -1.87 -20.55 -2.67
CA GLY A 236 -3.00 -19.69 -3.03
C GLY A 236 -4.32 -20.42 -3.07
N SER A 237 -4.34 -21.67 -3.62
CA SER A 237 -5.57 -22.47 -3.68
C SER A 237 -6.04 -22.85 -2.28
N GLU A 238 -5.07 -23.10 -1.36
CA GLU A 238 -5.38 -23.42 0.04
C GLU A 238 -5.96 -22.19 0.76
N VAL A 239 -5.49 -20.97 0.43
CA VAL A 239 -6.02 -19.74 1.03
C VAL A 239 -7.47 -19.57 0.58
N THR A 240 -7.71 -19.77 -0.72
CA THR A 240 -9.06 -19.70 -1.27
C THR A 240 -10.00 -20.70 -0.57
N ALA A 241 -9.55 -21.95 -0.38
CA ALA A 241 -10.35 -22.97 0.31
C ALA A 241 -10.62 -22.57 1.77
N MET A 242 -9.62 -21.98 2.46
CA MET A 242 -9.75 -21.55 3.84
C MET A 242 -10.85 -20.49 3.97
N LEU A 243 -10.81 -19.49 3.10
CA LEU A 243 -11.73 -18.37 3.15
C LEU A 243 -13.15 -18.79 2.82
N GLU A 244 -13.28 -19.69 1.84
CA GLU A 244 -14.57 -20.21 1.40
C GLU A 244 -15.27 -20.92 2.58
N LYS A 245 -14.49 -21.63 3.42
CA LYS A 245 -14.95 -22.32 4.65
C LYS A 245 -15.33 -21.29 5.76
N GLY A 246 -15.08 -20.00 5.52
CA GLY A 246 -15.34 -18.95 6.49
C GLY A 246 -14.24 -18.76 7.52
N GLU A 247 -13.08 -19.43 7.33
CA GLU A 247 -11.97 -19.33 8.27
C GLU A 247 -11.14 -18.05 7.98
N ARG A 248 -10.52 -17.48 9.02
CA ARG A 248 -9.72 -16.25 8.89
C ARG A 248 -8.50 -16.39 9.76
N MET A 249 -7.42 -15.65 9.42
CA MET A 249 -6.21 -15.70 10.23
C MET A 249 -6.54 -15.28 11.67
N GLY A 250 -5.83 -15.87 12.62
CA GLY A 250 -5.99 -15.56 14.03
C GLY A 250 -5.47 -14.18 14.41
N CYS A 251 -5.74 -13.81 15.65
CA CYS A 251 -5.30 -12.55 16.19
C CYS A 251 -3.77 -12.56 16.44
N PRO A 252 -2.98 -11.64 15.85
CA PRO A 252 -1.52 -11.63 16.13
C PRO A 252 -1.24 -11.38 17.62
N ALA A 253 -0.10 -11.88 18.13
CA ALA A 253 0.33 -11.63 19.53
C ALA A 253 0.36 -10.13 19.82
N GLY A 254 -0.32 -9.73 20.90
CA GLY A 254 -0.34 -8.34 21.37
C GLY A 254 -1.25 -7.40 20.60
N CYS A 255 -1.98 -7.94 19.60
CA CYS A 255 -2.87 -7.09 18.83
C CYS A 255 -4.16 -6.85 19.63
N PRO A 256 -4.56 -5.57 19.83
CA PRO A 256 -5.83 -5.32 20.56
C PRO A 256 -7.01 -5.98 19.86
N ARG A 257 -7.98 -6.45 20.66
CA ARG A 257 -9.20 -7.08 20.16
C ARG A 257 -9.93 -6.18 19.15
N GLU A 258 -10.01 -4.88 19.44
CA GLU A 258 -10.67 -3.89 18.58
C GLU A 258 -10.05 -3.85 17.16
N MET A 259 -8.72 -4.02 17.08
CA MET A 259 -7.99 -4.04 15.81
C MET A 259 -8.21 -5.36 15.10
N TYR A 260 -8.27 -6.43 15.89
CA TYR A 260 -8.56 -7.71 15.26
C TYR A 260 -9.99 -7.75 14.71
N ASP A 261 -10.95 -7.17 15.47
CA ASP A 261 -12.34 -7.08 15.03
C ASP A 261 -12.39 -6.31 13.72
N LEU A 262 -11.60 -5.22 13.62
CA LEU A 262 -11.56 -4.40 12.41
C LEU A 262 -10.98 -5.21 11.21
N MET A 263 -9.89 -6.00 11.43
CA MET A 263 -9.35 -6.90 10.40
C MET A 263 -10.44 -7.81 9.89
N ASN A 264 -11.18 -8.46 10.83
CA ASN A 264 -12.27 -9.35 10.45
C ASN A 264 -13.36 -8.65 9.68
N LEU A 265 -13.70 -7.39 10.06
CA LEU A 265 -14.70 -6.63 9.31
C LEU A 265 -14.21 -6.34 7.87
N CYS A 266 -12.88 -6.07 7.67
CA CYS A 266 -12.34 -5.87 6.32
C CYS A 266 -12.46 -7.16 5.53
N TRP A 267 -12.41 -8.32 6.23
CA TRP A 267 -12.51 -9.64 5.61
C TRP A 267 -13.95 -10.14 5.54
N THR A 268 -14.89 -9.22 5.32
CA THR A 268 -16.32 -9.57 5.13
C THR A 268 -16.39 -10.14 3.71
N TYR A 269 -16.88 -11.38 3.59
CA TYR A 269 -16.96 -12.06 2.30
C TYR A 269 -17.83 -11.28 1.30
N ASP A 270 -19.04 -10.91 1.74
CA ASP A 270 -20.01 -10.18 0.91
C ASP A 270 -19.53 -8.76 0.64
N VAL A 271 -19.21 -8.46 -0.63
CA VAL A 271 -18.70 -7.12 -1.05
C VAL A 271 -19.59 -5.99 -0.56
N GLU A 272 -20.94 -6.14 -0.71
CA GLU A 272 -21.86 -5.08 -0.32
C GLU A 272 -21.89 -4.81 1.18
N ASN A 273 -21.71 -5.86 2.00
CA ASN A 273 -21.70 -5.73 3.47
C ASN A 273 -20.35 -5.29 4.03
N ARG A 274 -19.27 -5.45 3.25
CA ARG A 274 -17.93 -5.04 3.69
C ARG A 274 -17.86 -3.51 3.81
N PRO A 275 -17.23 -2.94 4.85
CA PRO A 275 -17.17 -1.47 4.93
C PRO A 275 -16.26 -0.86 3.84
N GLY A 276 -16.51 0.41 3.53
CA GLY A 276 -15.66 1.21 2.67
C GLY A 276 -14.60 1.89 3.53
N PHE A 277 -13.63 2.60 2.91
CA PHE A 277 -12.56 3.24 3.66
C PHE A 277 -13.02 4.37 4.56
N ALA A 278 -14.14 5.04 4.25
CA ALA A 278 -14.63 6.09 5.16
C ALA A 278 -14.95 5.48 6.55
N ALA A 279 -15.64 4.32 6.59
CA ALA A 279 -15.99 3.63 7.83
C ALA A 279 -14.74 3.03 8.52
N VAL A 280 -13.81 2.42 7.73
CA VAL A 280 -12.59 1.85 8.30
C VAL A 280 -11.70 2.94 8.92
N GLU A 281 -11.50 4.06 8.19
CA GLU A 281 -10.67 5.16 8.69
C GLU A 281 -11.26 5.74 9.96
N LEU A 282 -12.61 5.88 10.01
CA LEU A 282 -13.28 6.41 11.20
C LEU A 282 -13.07 5.51 12.41
N ARG A 283 -13.21 4.18 12.23
CA ARG A 283 -12.99 3.21 13.30
C ARG A 283 -11.55 3.31 13.85
N LEU A 284 -10.56 3.39 12.93
CA LEU A 284 -9.16 3.51 13.28
C LEU A 284 -8.84 4.83 13.96
N ARG A 285 -9.39 5.95 13.46
CA ARG A 285 -9.16 7.29 14.01
C ARG A 285 -9.63 7.34 15.46
N ASN A 286 -10.86 6.83 15.71
CA ASN A 286 -11.44 6.84 17.04
C ASN A 286 -10.65 5.93 17.98
N TYR A 287 -10.27 4.73 17.52
CA TYR A 287 -9.49 3.84 18.40
C TYR A 287 -8.14 4.46 18.72
N TYR A 288 -7.47 5.05 17.71
CA TYR A 288 -6.15 5.67 17.89
C TYR A 288 -6.20 6.79 18.97
N TYR A 289 -7.18 7.70 18.86
CA TYR A 289 -7.28 8.79 19.84
C TYR A 289 -7.71 8.25 21.23
N ASP A 290 -8.43 7.11 21.29
CA ASP A 290 -8.73 6.45 22.57
C ASP A 290 -7.42 5.99 23.21
N VAL A 291 -6.54 5.35 22.39
CA VAL A 291 -5.24 4.85 22.86
C VAL A 291 -4.30 6.02 23.25
N VAL A 292 -4.35 7.12 22.50
CA VAL A 292 -3.51 8.30 22.72
C VAL A 292 -3.84 8.93 24.06
N ASN A 293 -5.14 9.13 24.30
CA ASN A 293 -5.61 9.81 25.49
C ASN A 293 -5.55 8.91 26.74
N HIS A 294 -5.63 7.57 26.57
CA HIS A 294 -5.47 6.61 27.67
C HIS A 294 -4.01 6.59 28.11
N HIS A 295 -3.07 6.73 27.15
CA HIS A 295 -1.63 6.78 27.40
C HIS A 295 -1.26 8.01 28.25
N HIS A 296 -1.97 9.14 28.05
CA HIS A 296 -1.78 10.39 28.80
C HIS A 296 -2.15 10.18 30.28
C1 QFQ B . 8.33 2.02 -5.19
C2 QFQ B . 9.06 1.02 -4.49
C3 QFQ B . 9.84 1.68 -3.59
N6 QFQ B . 15.15 0.15 1.29
C7 QFQ B . 11.26 4.78 -1.19
C8 QFQ B . 12.94 3.42 0.15
C9 QFQ B . 13.87 3.63 1.18
C10 QFQ B . 14.71 2.60 1.59
C11 QFQ B . 14.55 1.35 1.02
C12 QFQ B . 13.61 1.11 0.02
C13 QFQ B . 12.81 2.16 -0.45
C14 QFQ B . 13.76 -0.29 -0.29
C15 QFQ B . 16.24 -0.12 2.23
C16 QFQ B . 12.98 -1.09 -1.31
C19 QFQ B . 9.67 -2.65 -4.44
C20 QFQ B . 8.32 -3.35 -4.53
C21 QFQ B . 7.64 -3.38 -3.15
C22 QFQ B . 8.78 -1.27 -2.53
O QFQ B . 12.05 -0.58 -1.91
N7 QFQ B . 13.40 -2.34 -1.51
C17 QFQ B . 12.77 -3.22 -2.47
N5 QFQ B . 14.70 -0.85 0.45
N4 QFQ B . 12.17 4.53 -0.21
N2 QFQ B . 10.73 6.01 -1.17
C6 QFQ B . 9.83 6.27 -2.12
C5 QFQ B . 9.40 5.35 -3.06
N3 QFQ B . 10.88 3.75 -1.98
C4 QFQ B . 9.99 4.08 -2.93
N QFQ B . 9.54 2.99 -3.72
N1 QFQ B . 8.57 3.20 -4.66
C QFQ B . 7.35 1.90 -6.32
N8 QFQ B . 8.98 -0.29 -4.78
C18 QFQ B . 9.57 -1.24 -3.84
N9 QFQ B . 7.48 -1.96 -2.64
#